data_4YXF
#
_entry.id   4YXF
#
_cell.length_a   94.080
_cell.length_b   94.080
_cell.length_c   194.341
_cell.angle_alpha   90.000
_cell.angle_beta   90.000
_cell.angle_gamma   120.000
#
_symmetry.space_group_name_H-M   'P 31 2 1'
#
loop_
_entity.id
_entity.type
_entity.pdbx_description
1 polymer MupS
2 water water
#
_entity_poly.entity_id   1
_entity_poly.type   'polypeptide(L)'
_entity_poly.pdbx_seq_one_letter_code
;MTDAVSDALHTRHDSAPSAVKGTIIVSGGSQGLGLTTVRCFLEAGYNVATFSRRESPAVTELSERADFHWQALDCTDYSA
LTAFVQQVEKRFGGLDGLVNNAATGVEGILSTMRVADIDSALDINLKGQLYLTKLVTAKLLKRGAGSVVNVSSINALRGH
SGLTVYSATKAAMDGLTRSLAKELGPRGIRVNSVSPGYFSSDMVKDLSPQTLSRIERRTPLGRLGTQQEVADLILYLVDR
GTFVTGQNIAVDGGFTC
;
_entity_poly.pdbx_strand_id   A,B
#
# COMPACT_ATOMS: atom_id res chain seq x y z
N LYS A 21 -2.78 27.51 -17.19
CA LYS A 21 -3.25 27.04 -15.88
C LYS A 21 -4.19 25.85 -16.03
N GLY A 22 -5.44 26.03 -15.61
CA GLY A 22 -6.43 24.98 -15.70
C GLY A 22 -7.25 24.62 -14.48
N THR A 23 -7.64 23.34 -14.42
CA THR A 23 -8.52 22.88 -13.35
C THR A 23 -7.90 21.75 -12.53
N ILE A 24 -8.10 21.81 -11.22
CA ILE A 24 -7.62 20.75 -10.33
C ILE A 24 -8.76 20.31 -9.44
N ILE A 25 -8.97 18.99 -9.37
CA ILE A 25 -9.78 18.40 -8.31
C ILE A 25 -8.90 18.13 -7.08
N VAL A 26 -9.34 18.57 -5.92
CA VAL A 26 -8.67 18.27 -4.68
C VAL A 26 -9.68 17.47 -3.84
N SER A 27 -9.44 16.18 -3.60
CA SER A 27 -10.35 15.43 -2.74
C SER A 27 -10.21 15.90 -1.27
N GLY A 28 -11.33 15.92 -0.54
CA GLY A 28 -11.34 16.23 0.89
C GLY A 28 -10.89 17.62 1.17
N GLY A 29 -11.46 18.60 0.48
CA GLY A 29 -10.95 19.97 0.56
C GLY A 29 -11.83 20.82 1.45
N SER A 30 -12.73 20.21 2.20
CA SER A 30 -13.65 21.03 2.96
C SER A 30 -13.06 21.49 4.26
N GLN A 31 -11.86 21.04 4.60
CA GLN A 31 -11.21 21.43 5.87
C GLN A 31 -9.73 21.00 5.94
N GLY A 32 -8.99 21.54 6.92
CA GLY A 32 -7.60 21.12 7.13
C GLY A 32 -6.73 21.26 5.89
N LEU A 33 -5.78 20.36 5.71
CA LEU A 33 -4.78 20.53 4.68
C LEU A 33 -5.44 20.64 3.27
N GLY A 34 -6.49 19.86 3.01
CA GLY A 34 -7.22 19.95 1.75
C GLY A 34 -7.68 21.39 1.51
N LEU A 35 -8.38 21.96 2.49
CA LEU A 35 -8.80 23.32 2.37
C LEU A 35 -7.63 24.29 2.12
N THR A 36 -6.48 24.12 2.81
CA THR A 36 -5.34 25.03 2.62
C THR A 36 -4.82 24.82 1.22
N THR A 37 -4.91 23.59 0.74
CA THR A 37 -4.42 23.29 -0.62
C THR A 37 -5.35 23.93 -1.71
N VAL A 38 -6.67 23.90 -1.45
CA VAL A 38 -7.67 24.56 -2.31
C VAL A 38 -7.41 26.04 -2.38
N ARG A 39 -7.22 26.64 -1.20
CA ARG A 39 -7.05 28.08 -1.08
C ARG A 39 -5.70 28.51 -1.65
N CYS A 40 -4.87 27.54 -2.00
CA CYS A 40 -3.57 27.87 -2.54
C CYS A 40 -3.59 27.66 -4.09
N PHE A 41 -4.22 26.59 -4.59
CA PHE A 41 -4.47 26.56 -6.01
C PHE A 41 -5.24 27.75 -6.54
N LEU A 42 -6.27 28.18 -5.83
CA LEU A 42 -7.04 29.33 -6.23
C LEU A 42 -6.23 30.60 -6.35
N GLU A 43 -5.43 30.93 -5.36
CA GLU A 43 -4.54 32.13 -5.47
C GLU A 43 -3.56 32.02 -6.63
N ALA A 44 -3.20 30.79 -7.00
CA ALA A 44 -2.19 30.51 -8.01
C ALA A 44 -2.77 30.52 -9.43
N GLY A 45 -4.07 30.72 -9.56
CA GLY A 45 -4.55 30.78 -10.94
C GLY A 45 -5.38 29.65 -11.51
N TYR A 46 -5.78 28.69 -10.67
CA TYR A 46 -6.40 27.46 -11.13
C TYR A 46 -7.83 27.50 -10.70
N ASN A 47 -8.69 26.86 -11.47
CA ASN A 47 -10.01 26.56 -11.01
C ASN A 47 -9.89 25.37 -10.11
N VAL A 48 -10.63 25.34 -9.04
CA VAL A 48 -10.62 24.20 -8.19
C VAL A 48 -11.98 23.59 -7.89
N ALA A 49 -12.10 22.29 -8.05
CA ALA A 49 -13.22 21.57 -7.57
C ALA A 49 -12.83 20.58 -6.41
N THR A 50 -13.74 20.43 -5.46
CA THR A 50 -13.50 19.61 -4.27
C THR A 50 -14.81 18.96 -3.80
N PHE A 51 -14.71 18.07 -2.81
CA PHE A 51 -15.87 17.35 -2.31
C PHE A 51 -15.65 16.83 -0.89
N SER A 52 -16.72 16.50 -0.17
CA SER A 52 -16.59 15.97 1.18
C SER A 52 -17.91 15.33 1.58
N ARG A 53 -17.99 14.66 2.76
CA ARG A 53 -19.25 13.96 3.11
C ARG A 53 -20.28 15.05 3.42
N ARG A 54 -19.81 16.13 4.07
CA ARG A 54 -20.66 17.20 4.58
C ARG A 54 -20.14 18.65 4.26
N GLU A 55 -21.04 19.60 4.09
CA GLU A 55 -20.63 20.98 3.82
C GLU A 55 -20.17 21.76 5.06
N SER A 56 -19.06 22.50 4.92
CA SER A 56 -18.57 23.37 5.95
C SER A 56 -18.69 24.74 5.37
N PRO A 57 -18.08 25.73 5.97
CA PRO A 57 -17.97 26.99 5.28
C PRO A 57 -16.91 26.91 4.17
N ALA A 58 -17.28 26.08 3.20
CA ALA A 58 -16.76 26.15 1.86
C ALA A 58 -17.85 26.98 1.22
N VAL A 59 -18.91 27.16 2.00
CA VAL A 59 -20.02 28.03 1.64
C VAL A 59 -19.47 29.35 1.15
N THR A 60 -18.62 29.98 1.96
CA THR A 60 -17.94 31.21 1.47
C THR A 60 -17.40 31.04 0.04
N GLU A 61 -16.62 29.97 -0.17
CA GLU A 61 -15.88 29.80 -1.41
C GLU A 61 -16.76 29.50 -2.63
N LEU A 62 -17.90 28.89 -2.32
CA LEU A 62 -18.93 28.59 -3.30
C LEU A 62 -19.25 29.87 -4.03
N SER A 63 -19.35 31.20 -3.32
CA SER A 63 -19.55 32.48 -4.05
C SER A 63 -18.61 32.69 -5.25
N GLU A 64 -17.44 32.06 -5.19
CA GLU A 64 -16.40 32.13 -6.23
C GLU A 64 -15.12 32.87 -5.79
N ARG A 65 -13.81 31.94 -5.60
CA ARG A 65 -12.54 32.60 -5.34
C ARG A 65 -11.46 32.37 -6.38
N ALA A 66 -11.91 31.77 -7.48
CA ALA A 66 -11.19 31.54 -8.70
C ALA A 66 -12.16 30.62 -9.41
N ASP A 67 -13.45 30.84 -9.16
CA ASP A 67 -14.46 29.86 -9.41
C ASP A 67 -13.96 28.51 -8.95
N PHE A 68 -14.71 28.04 -7.98
CA PHE A 68 -14.45 26.92 -7.19
C PHE A 68 -15.77 26.21 -7.23
N HIS A 69 -15.77 24.91 -7.05
CA HIS A 69 -16.99 24.17 -6.99
C HIS A 69 -16.88 23.10 -5.98
N TRP A 70 -17.93 22.85 -5.22
CA TRP A 70 -17.91 21.83 -4.19
C TRP A 70 -19.17 21.02 -4.22
N GLN A 71 -19.07 19.75 -3.86
CA GLN A 71 -20.24 18.88 -3.85
C GLN A 71 -20.17 17.93 -2.69
N ALA A 72 -21.33 17.61 -2.14
CA ALA A 72 -21.51 16.41 -1.35
C ALA A 72 -21.21 15.25 -2.27
N LEU A 73 -20.74 14.17 -1.68
CA LEU A 73 -20.26 12.97 -2.36
C LEU A 73 -19.88 12.02 -1.26
N ASP A 74 -20.03 10.67 -1.56
CA ASP A 74 -19.40 9.56 -0.82
C ASP A 74 -18.29 8.93 -1.70
N CYS A 75 -17.04 9.07 -1.27
CA CYS A 75 -15.92 8.64 -2.13
C CYS A 75 -15.85 7.12 -2.46
N THR A 76 -16.38 6.26 -1.59
CA THR A 76 -16.51 4.82 -1.85
C THR A 76 -17.46 4.48 -3.08
N ASP A 77 -18.22 5.47 -3.55
CA ASP A 77 -19.19 5.21 -4.60
C ASP A 77 -18.65 5.58 -5.98
N TYR A 78 -18.56 4.59 -6.88
CA TYR A 78 -18.10 4.89 -8.22
C TYR A 78 -19.00 5.76 -9.12
N SER A 79 -20.32 5.57 -9.08
CA SER A 79 -21.16 6.31 -10.03
C SER A 79 -21.29 7.77 -9.55
N ALA A 80 -21.32 7.98 -8.23
CA ALA A 80 -21.25 9.33 -7.68
C ALA A 80 -19.97 10.08 -8.17
N LEU A 81 -18.80 9.43 -8.10
CA LEU A 81 -17.56 10.07 -8.52
C LEU A 81 -17.64 10.32 -10.02
N THR A 82 -18.29 9.41 -10.74
CA THR A 82 -18.43 9.63 -12.16
C THR A 82 -19.22 10.91 -12.40
N ALA A 83 -20.36 11.07 -11.73
CA ALA A 83 -21.17 12.27 -11.97
C ALA A 83 -20.32 13.56 -11.68
N PHE A 84 -19.66 13.54 -10.53
CA PHE A 84 -18.85 14.63 -10.02
C PHE A 84 -17.77 15.00 -11.00
N VAL A 85 -17.14 13.99 -11.59
CA VAL A 85 -16.03 14.29 -12.47
C VAL A 85 -16.59 14.93 -13.74
N GLN A 86 -17.63 14.31 -14.27
CA GLN A 86 -18.38 14.81 -15.42
C GLN A 86 -18.81 16.31 -15.20
N GLN A 87 -19.46 16.57 -14.05
CA GLN A 87 -19.94 17.93 -13.71
C GLN A 87 -18.74 18.85 -13.75
N VAL A 88 -17.64 18.44 -13.13
CA VAL A 88 -16.48 19.30 -13.04
C VAL A 88 -15.96 19.55 -14.45
N GLU A 89 -15.98 18.53 -15.27
CA GLU A 89 -15.64 18.80 -16.63
C GLU A 89 -16.69 19.70 -17.38
N LYS A 90 -18.02 19.60 -17.15
CA LYS A 90 -18.96 20.51 -17.87
C LYS A 90 -18.68 21.95 -17.39
N ARG A 91 -18.71 22.16 -16.08
CA ARG A 91 -18.51 23.47 -15.48
C ARG A 91 -17.25 24.26 -15.91
N PHE A 92 -16.14 23.57 -16.18
CA PHE A 92 -14.87 24.30 -16.35
C PHE A 92 -14.19 23.97 -17.64
N GLY A 93 -14.77 23.00 -18.37
CA GLY A 93 -14.24 22.54 -19.67
C GLY A 93 -12.78 22.11 -19.62
N GLY A 94 -12.47 21.02 -18.92
CA GLY A 94 -11.05 20.61 -18.82
C GLY A 94 -10.69 20.01 -17.47
N LEU A 95 -9.66 19.18 -17.42
CA LEU A 95 -9.03 18.83 -16.16
C LEU A 95 -7.54 18.85 -16.31
N ASP A 96 -6.83 19.39 -15.33
CA ASP A 96 -5.41 19.49 -15.51
C ASP A 96 -4.62 18.73 -14.48
N GLY A 97 -5.30 18.26 -13.44
CA GLY A 97 -4.63 17.57 -12.40
C GLY A 97 -5.57 17.18 -11.28
N LEU A 98 -5.04 16.38 -10.35
CA LEU A 98 -5.76 15.82 -9.23
C LEU A 98 -4.87 15.84 -7.97
N VAL A 99 -5.42 16.26 -6.83
CA VAL A 99 -4.71 16.06 -5.59
C VAL A 99 -5.49 15.10 -4.71
N ASN A 100 -5.05 13.85 -4.68
CA ASN A 100 -5.56 12.87 -3.74
C ASN A 100 -5.21 13.18 -2.29
N ASN A 101 -6.16 13.74 -1.55
CA ASN A 101 -5.88 14.14 -0.20
C ASN A 101 -6.73 13.35 0.77
N ALA A 102 -7.98 13.07 0.40
CA ALA A 102 -8.95 12.53 1.37
C ALA A 102 -8.48 11.19 1.98
N ALA A 103 -8.36 11.25 3.31
CA ALA A 103 -7.98 10.14 4.11
C ALA A 103 -8.62 10.24 5.50
N THR A 104 -9.06 9.10 6.03
CA THR A 104 -9.46 9.00 7.43
C THR A 104 -8.40 8.27 8.26
N GLY A 105 -8.08 8.79 9.45
CA GLY A 105 -7.05 8.20 10.33
C GLY A 105 -7.46 6.84 10.93
N VAL A 106 -6.51 6.00 11.34
CA VAL A 106 -6.84 4.77 12.09
C VAL A 106 -5.79 4.43 13.16
N GLU A 107 -5.85 5.10 14.30
CA GLU A 107 -5.04 4.71 15.45
C GLU A 107 -5.45 3.32 16.01
N GLY A 108 -4.49 2.62 16.61
CA GLY A 108 -4.80 1.40 17.32
C GLY A 108 -4.06 0.16 16.87
N ILE A 109 -3.44 -0.54 17.83
CA ILE A 109 -2.74 -1.78 17.57
C ILE A 109 -3.63 -2.78 16.83
N LEU A 110 -3.01 -3.60 15.99
CA LEU A 110 -3.72 -4.51 15.10
C LEU A 110 -4.52 -5.55 15.90
N SER A 111 -4.14 -5.81 17.16
CA SER A 111 -4.76 -6.86 18.01
C SER A 111 -6.11 -6.38 18.62
N THR A 112 -6.15 -5.16 19.17
CA THR A 112 -7.41 -4.45 19.45
C THR A 112 -8.29 -4.09 18.18
N MET A 113 -7.84 -4.38 16.97
CA MET A 113 -8.41 -3.71 15.81
C MET A 113 -9.67 -4.38 15.34
N ARG A 114 -10.80 -3.68 15.33
CA ARG A 114 -12.03 -4.34 14.86
C ARG A 114 -11.97 -4.67 13.37
N VAL A 115 -12.30 -5.90 13.03
CA VAL A 115 -12.28 -6.36 11.64
C VAL A 115 -13.02 -5.42 10.72
N ALA A 116 -14.09 -4.77 11.18
CA ALA A 116 -14.86 -3.85 10.30
C ALA A 116 -14.14 -2.52 10.07
N ASP A 117 -13.30 -2.11 11.03
CA ASP A 117 -12.47 -0.92 10.87
C ASP A 117 -11.37 -1.03 9.82
N ILE A 118 -10.84 -2.24 9.66
CA ILE A 118 -9.94 -2.56 8.57
C ILE A 118 -10.64 -2.41 7.23
N ASP A 119 -11.91 -2.79 7.16
CA ASP A 119 -12.62 -2.76 5.90
C ASP A 119 -12.92 -1.33 5.53
N SER A 120 -13.35 -0.51 6.49
CA SER A 120 -13.69 0.87 6.20
C SER A 120 -12.34 1.48 5.77
N ALA A 121 -11.30 1.26 6.57
CA ALA A 121 -10.01 1.83 6.24
C ALA A 121 -9.52 1.50 4.80
N LEU A 122 -9.67 0.29 4.34
CA LEU A 122 -9.32 0.08 2.95
C LEU A 122 -10.24 0.80 1.97
N ASP A 123 -11.55 0.81 2.22
CA ASP A 123 -12.53 1.48 1.34
C ASP A 123 -12.40 3.02 1.29
N ILE A 124 -12.43 3.69 2.45
CA ILE A 124 -12.20 5.15 2.51
C ILE A 124 -10.79 5.50 1.99
N ASN A 125 -9.73 4.93 2.57
CA ASN A 125 -8.39 5.42 2.27
C ASN A 125 -7.66 4.90 1.07
N LEU A 126 -8.19 3.89 0.39
CA LEU A 126 -7.44 3.29 -0.71
C LEU A 126 -8.26 3.12 -1.98
N LYS A 127 -9.47 2.61 -1.79
CA LYS A 127 -10.34 2.29 -2.89
C LYS A 127 -10.90 3.57 -3.54
N GLY A 128 -11.45 4.46 -2.73
CA GLY A 128 -11.91 5.74 -3.25
C GLY A 128 -10.85 6.42 -4.07
N GLN A 129 -9.66 6.59 -3.47
CA GLN A 129 -8.54 7.22 -4.14
C GLN A 129 -8.23 6.60 -5.50
N LEU A 130 -8.39 5.28 -5.60
CA LEU A 130 -8.07 4.57 -6.81
C LEU A 130 -9.15 4.74 -7.79
N TYR A 131 -10.38 4.78 -7.30
CA TYR A 131 -11.53 5.12 -8.17
C TYR A 131 -11.38 6.50 -8.78
N LEU A 132 -11.20 7.52 -7.95
CA LEU A 132 -10.99 8.88 -8.45
C LEU A 132 -9.86 8.95 -9.48
N THR A 133 -8.73 8.37 -9.12
CA THR A 133 -7.55 8.36 -9.98
C THR A 133 -7.88 7.77 -11.33
N LYS A 134 -8.65 6.69 -11.34
CA LYS A 134 -9.06 6.07 -12.62
C LYS A 134 -9.93 7.10 -13.41
N LEU A 135 -10.87 7.74 -12.71
CA LEU A 135 -11.73 8.69 -13.38
C LEU A 135 -10.98 9.91 -13.96
N VAL A 136 -10.28 10.63 -13.11
CA VAL A 136 -9.56 11.78 -13.55
C VAL A 136 -8.46 11.47 -14.62
N THR A 137 -7.78 10.34 -14.42
CA THR A 137 -6.76 9.89 -15.35
C THR A 137 -7.33 9.77 -16.75
N ALA A 138 -8.59 9.32 -16.83
CA ALA A 138 -9.26 9.19 -18.12
C ALA A 138 -9.33 10.61 -18.76
N LYS A 139 -9.86 11.61 -18.05
CA LYS A 139 -9.90 12.98 -18.55
C LYS A 139 -8.52 13.56 -18.89
N LEU A 140 -7.52 13.25 -18.08
CA LEU A 140 -6.16 13.70 -18.32
C LEU A 140 -5.60 13.16 -19.64
N LEU A 141 -6.01 11.94 -19.99
CA LEU A 141 -5.52 11.29 -21.23
C LEU A 141 -6.12 11.96 -22.45
N LYS A 142 -7.34 12.47 -22.34
CA LYS A 142 -7.94 13.23 -23.43
C LYS A 142 -7.04 14.48 -23.75
N ARG A 143 -6.97 15.44 -22.79
CA ARG A 143 -6.05 16.61 -22.80
C ARG A 143 -4.55 16.31 -23.20
N GLY A 144 -4.02 15.11 -22.92
CA GLY A 144 -2.59 14.82 -23.21
C GLY A 144 -1.55 15.50 -22.29
N ALA A 145 -2.02 16.24 -21.31
CA ALA A 145 -1.15 16.74 -20.25
C ALA A 145 -1.90 16.71 -18.93
N GLY A 146 -1.14 16.70 -17.83
CA GLY A 146 -1.70 16.85 -16.47
C GLY A 146 -0.70 16.41 -15.39
N SER A 147 -1.10 16.57 -14.13
CA SER A 147 -0.27 16.07 -13.08
C SER A 147 -1.14 15.58 -11.95
N VAL A 148 -0.67 14.52 -11.29
CA VAL A 148 -1.37 14.00 -10.13
C VAL A 148 -0.42 14.09 -8.94
N VAL A 149 -0.95 14.48 -7.80
CA VAL A 149 -0.23 14.40 -6.56
C VAL A 149 -1.00 13.62 -5.53
N ASN A 150 -0.40 12.55 -5.05
CA ASN A 150 -0.94 11.78 -3.97
C ASN A 150 -0.41 12.25 -2.64
N VAL A 151 -1.26 12.72 -1.73
CA VAL A 151 -0.77 13.21 -0.45
C VAL A 151 -0.70 12.02 0.48
N SER A 152 0.49 11.72 0.94
CA SER A 152 0.72 10.52 1.67
C SER A 152 1.06 10.76 3.10
N SER A 153 2.19 10.29 3.57
CA SER A 153 2.48 10.48 4.98
C SER A 153 3.82 9.96 5.41
N ILE A 154 4.43 10.52 6.43
CA ILE A 154 5.72 9.95 6.81
C ILE A 154 5.48 8.56 7.37
N ASN A 155 4.26 8.24 7.76
CA ASN A 155 4.04 6.87 8.22
C ASN A 155 4.19 5.87 7.11
N ALA A 156 4.14 6.33 5.88
CA ALA A 156 4.27 5.40 4.80
C ALA A 156 5.74 5.10 4.53
N LEU A 157 6.62 5.93 5.09
CA LEU A 157 8.06 5.78 4.95
C LEU A 157 8.76 5.26 6.19
N ARG A 158 8.20 5.45 7.36
CA ARG A 158 8.91 5.02 8.54
C ARG A 158 8.27 4.01 9.45
N GLY A 159 7.05 4.18 9.84
CA GLY A 159 6.53 3.14 10.68
C GLY A 159 6.49 3.51 12.12
N HIS A 160 5.29 3.44 12.65
CA HIS A 160 4.94 4.05 13.86
C HIS A 160 4.02 3.05 14.40
N SER A 161 4.25 2.64 15.62
CA SER A 161 3.38 1.70 16.26
C SER A 161 1.97 2.23 16.31
N GLY A 162 1.00 1.34 16.15
CA GLY A 162 -0.44 1.71 16.21
C GLY A 162 -1.03 2.33 14.92
N LEU A 163 -0.20 2.63 13.89
CA LEU A 163 -0.71 3.11 12.59
C LEU A 163 -0.54 2.06 11.43
N THR A 164 -0.55 0.82 11.78
CA THR A 164 -0.45 -0.33 10.95
C THR A 164 -1.24 -0.30 9.68
N VAL A 165 -2.55 -0.22 9.87
CA VAL A 165 -3.45 -0.26 8.68
C VAL A 165 -3.37 1.07 7.89
N TYR A 166 -3.18 2.15 8.63
CA TYR A 166 -3.10 3.46 7.98
C TYR A 166 -1.83 3.56 7.12
N SER A 167 -0.76 2.97 7.61
CA SER A 167 0.50 2.95 6.90
C SER A 167 0.38 2.12 5.60
N ALA A 168 -0.35 1.01 5.68
CA ALA A 168 -0.58 0.21 4.50
C ALA A 168 -1.27 1.05 3.43
N THR A 169 -2.33 1.75 3.80
CA THR A 169 -3.09 2.44 2.76
C THR A 169 -2.27 3.61 2.17
N LYS A 170 -1.44 4.25 3.00
CA LYS A 170 -0.65 5.35 2.47
C LYS A 170 0.49 4.82 1.63
N ALA A 171 1.15 3.79 2.08
CA ALA A 171 2.25 3.25 1.30
C ALA A 171 1.68 2.67 0.01
N ALA A 172 0.40 2.42 -0.04
CA ALA A 172 -0.16 1.83 -1.23
C ALA A 172 -0.24 2.87 -2.29
N MET A 173 -0.59 4.05 -1.91
CA MET A 173 -0.68 5.10 -2.86
C MET A 173 0.68 5.50 -3.33
N ASP A 174 1.68 5.35 -2.49
CA ASP A 174 3.05 5.59 -2.93
C ASP A 174 3.55 4.54 -3.87
N GLY A 175 2.94 3.35 -3.85
CA GLY A 175 3.27 2.30 -4.77
C GLY A 175 2.55 2.68 -6.05
N LEU A 176 1.36 3.23 -5.92
CA LEU A 176 0.60 3.54 -7.11
C LEU A 176 1.32 4.65 -7.86
N THR A 177 1.95 5.55 -7.12
CA THR A 177 2.59 6.66 -7.78
C THR A 177 3.71 6.17 -8.66
N ARG A 178 4.49 5.23 -8.20
CA ARG A 178 5.62 4.96 -9.06
C ARG A 178 5.09 4.27 -10.33
N SER A 179 4.12 3.40 -10.16
CA SER A 179 3.70 2.55 -11.27
C SER A 179 2.88 3.42 -12.22
N LEU A 180 1.96 4.19 -11.68
CA LEU A 180 1.19 5.05 -12.55
C LEU A 180 2.05 6.11 -13.29
N ALA A 181 3.19 6.49 -12.72
CA ALA A 181 4.07 7.44 -13.37
C ALA A 181 4.69 6.76 -14.58
N LYS A 182 5.06 5.52 -14.50
CA LYS A 182 5.58 4.83 -15.64
C LYS A 182 4.54 4.65 -16.69
N GLU A 183 3.31 4.53 -16.26
CA GLU A 183 2.19 4.30 -17.18
C GLU A 183 1.71 5.56 -17.89
N LEU A 184 1.67 6.72 -17.22
CA LEU A 184 1.10 7.91 -17.81
C LEU A 184 2.17 8.85 -18.33
N GLY A 185 3.41 8.55 -17.97
CA GLY A 185 4.53 9.32 -18.46
C GLY A 185 4.42 9.55 -19.95
N PRO A 186 4.46 8.46 -20.78
CA PRO A 186 4.53 8.64 -22.25
C PRO A 186 3.37 9.49 -22.78
N ARG A 187 2.28 9.60 -22.04
CA ARG A 187 1.18 10.50 -22.44
C ARG A 187 1.24 11.87 -21.73
N GLY A 188 2.45 12.33 -21.36
CA GLY A 188 2.72 13.66 -20.83
C GLY A 188 2.11 14.01 -19.49
N ILE A 189 1.85 13.02 -18.66
CA ILE A 189 1.29 13.27 -17.36
C ILE A 189 2.28 12.90 -16.28
N ARG A 190 2.51 13.80 -15.32
CA ARG A 190 3.39 13.51 -14.21
C ARG A 190 2.62 13.03 -12.97
N VAL A 191 3.30 12.25 -12.13
CA VAL A 191 2.69 11.73 -10.91
C VAL A 191 3.69 11.68 -9.76
N ASN A 192 3.32 12.29 -8.62
CA ASN A 192 4.18 12.28 -7.48
C ASN A 192 3.48 12.16 -6.13
N SER A 193 4.26 11.84 -5.10
CA SER A 193 3.77 11.79 -3.76
C SER A 193 4.39 12.89 -2.92
N VAL A 194 3.56 13.40 -2.02
CA VAL A 194 4.05 14.31 -1.02
C VAL A 194 3.77 13.64 0.31
N SER A 195 4.79 13.52 1.14
CA SER A 195 4.63 12.93 2.49
C SER A 195 4.81 13.93 3.58
N PRO A 196 3.70 14.50 4.09
CA PRO A 196 3.78 15.50 5.18
C PRO A 196 4.18 14.83 6.47
N GLY A 197 4.97 15.51 7.28
CA GLY A 197 5.11 15.07 8.66
C GLY A 197 4.08 15.71 9.62
N TYR A 198 4.59 16.25 10.72
CA TYR A 198 3.75 16.82 11.75
C TYR A 198 3.51 18.28 11.44
N PHE A 199 2.22 18.64 11.24
CA PHE A 199 1.87 20.06 11.02
C PHE A 199 0.65 20.46 11.86
N SER A 200 0.43 21.75 12.12
CA SER A 200 -0.78 22.10 12.93
C SER A 200 -2.07 22.04 12.18
N SER A 201 -3.07 21.43 12.82
CA SER A 201 -4.41 21.30 12.26
C SER A 201 -5.42 21.28 13.38
N ASP A 202 -6.64 21.77 13.12
CA ASP A 202 -7.68 21.80 14.13
C ASP A 202 -8.82 20.86 13.77
N GLN A 210 1.44 17.51 25.44
CA GLN A 210 2.84 17.93 25.61
C GLN A 210 3.90 16.75 25.42
N THR A 211 3.62 15.91 24.43
CA THR A 211 4.54 14.93 23.77
C THR A 211 5.02 15.66 22.48
N LEU A 212 4.33 16.77 22.18
CA LEU A 212 4.82 17.84 21.37
C LEU A 212 6.33 17.98 21.50
N SER A 213 6.80 17.82 22.71
CA SER A 213 8.21 18.00 23.01
C SER A 213 9.11 16.96 22.38
N ARG A 214 8.66 15.69 22.40
CA ARG A 214 9.40 14.57 21.79
C ARG A 214 9.52 14.92 20.31
N ILE A 215 8.40 15.36 19.72
CA ILE A 215 8.39 15.69 18.31
C ILE A 215 9.36 16.81 17.97
N GLU A 216 9.23 17.96 18.62
CA GLU A 216 10.15 19.04 18.33
C GLU A 216 11.60 18.62 18.44
N ARG A 217 11.92 17.66 19.30
CA ARG A 217 13.32 17.36 19.61
C ARG A 217 13.84 16.42 18.51
N ARG A 218 12.95 15.58 17.99
CA ARG A 218 13.30 14.68 16.90
C ARG A 218 13.24 15.36 15.52
N THR A 219 12.70 16.57 15.46
CA THR A 219 12.60 17.25 14.17
C THR A 219 13.87 18.08 14.14
N PRO A 220 14.63 17.99 13.06
CA PRO A 220 15.74 18.93 12.93
C PRO A 220 15.35 20.43 12.96
N LEU A 221 14.19 20.79 12.43
CA LEU A 221 13.86 22.20 12.39
C LEU A 221 13.18 22.59 13.67
N GLY A 222 13.01 21.63 14.59
CA GLY A 222 12.55 21.95 15.93
C GLY A 222 11.27 22.76 16.04
N ARG A 223 10.27 22.32 15.27
CA ARG A 223 8.86 22.82 15.29
C ARG A 223 7.89 22.16 14.26
N LEU A 224 6.58 22.15 14.55
CA LEU A 224 5.54 21.66 13.68
C LEU A 224 5.57 22.43 12.36
N GLY A 225 5.15 21.76 11.31
CA GLY A 225 4.97 22.42 10.06
C GLY A 225 3.66 23.10 9.96
N THR A 226 3.55 23.91 8.91
CA THR A 226 2.34 24.69 8.67
C THR A 226 1.74 24.07 7.42
N GLN A 227 0.42 23.93 7.41
CA GLN A 227 -0.33 23.50 6.21
C GLN A 227 0.09 24.22 4.95
N GLN A 228 0.28 25.53 5.04
CA GLN A 228 0.75 26.33 3.92
C GLN A 228 2.08 25.85 3.38
N GLU A 229 2.89 25.17 4.20
CA GLU A 229 4.21 24.72 3.72
C GLU A 229 4.09 23.40 2.96
N VAL A 230 3.15 22.58 3.42
CA VAL A 230 2.83 21.40 2.69
C VAL A 230 2.14 21.76 1.39
N ALA A 231 1.12 22.60 1.45
CA ALA A 231 0.41 22.97 0.23
C ALA A 231 1.36 23.61 -0.80
N ASP A 232 2.35 24.32 -0.31
CA ASP A 232 3.30 24.92 -1.17
C ASP A 232 4.01 23.83 -1.99
N LEU A 233 4.42 22.76 -1.32
CA LEU A 233 5.13 21.66 -1.98
C LEU A 233 4.27 21.11 -3.11
N ILE A 234 3.02 20.77 -2.77
CA ILE A 234 2.03 20.28 -3.75
C ILE A 234 1.93 21.20 -4.92
N LEU A 235 1.84 22.49 -4.66
CA LEU A 235 1.68 23.50 -5.67
C LEU A 235 2.83 23.44 -6.66
N TYR A 236 4.02 23.34 -6.12
CA TYR A 236 5.23 23.28 -6.95
C TYR A 236 5.13 22.10 -7.94
N LEU A 237 4.66 20.94 -7.46
CA LEU A 237 4.70 19.72 -8.22
C LEU A 237 3.57 19.68 -9.23
N VAL A 238 2.58 20.55 -9.08
CA VAL A 238 1.55 20.63 -10.12
C VAL A 238 1.89 21.71 -11.14
N ASP A 239 2.42 22.82 -10.66
CA ASP A 239 2.55 24.01 -11.47
C ASP A 239 3.92 24.25 -12.05
N ARG A 240 4.95 23.64 -11.52
CA ARG A 240 6.25 23.88 -12.11
C ARG A 240 7.15 22.71 -11.87
N GLY A 241 6.65 21.49 -12.06
CA GLY A 241 7.57 20.40 -11.74
C GLY A 241 7.91 19.57 -12.94
N THR A 242 8.14 20.30 -13.99
CA THR A 242 8.16 19.79 -15.35
C THR A 242 8.95 18.50 -15.60
N PHE A 243 10.09 18.28 -14.93
CA PHE A 243 10.82 17.06 -15.27
C PHE A 243 10.85 16.12 -14.07
N VAL A 244 9.85 16.25 -13.18
CA VAL A 244 9.82 15.53 -11.94
C VAL A 244 8.69 14.56 -11.88
N THR A 245 8.94 13.27 -11.75
CA THR A 245 7.84 12.32 -11.75
C THR A 245 8.31 11.04 -11.11
N GLY A 246 7.39 10.39 -10.41
CA GLY A 246 7.71 9.14 -9.75
C GLY A 246 8.25 9.39 -8.33
N GLN A 247 8.28 10.63 -7.87
CA GLN A 247 8.95 10.98 -6.62
C GLN A 247 8.08 10.92 -5.42
N ASN A 248 8.66 10.74 -4.25
CA ASN A 248 7.92 10.83 -3.04
C ASN A 248 8.72 11.75 -2.18
N ILE A 249 8.32 13.00 -2.10
CA ILE A 249 9.00 14.01 -1.29
C ILE A 249 8.35 14.23 0.12
N ALA A 250 9.19 14.21 1.15
CA ALA A 250 8.73 14.41 2.51
C ALA A 250 8.85 15.86 2.83
N VAL A 251 7.84 16.45 3.45
CA VAL A 251 7.88 17.84 3.89
C VAL A 251 7.67 17.79 5.38
N ASP A 252 8.68 17.37 6.13
CA ASP A 252 8.48 17.04 7.52
C ASP A 252 9.54 17.65 8.41
N GLY A 253 10.09 18.78 7.99
CA GLY A 253 11.11 19.46 8.82
C GLY A 253 12.34 18.57 9.10
N GLY A 254 12.53 17.52 8.29
CA GLY A 254 13.69 16.69 8.41
C GLY A 254 13.47 15.47 9.33
N PHE A 255 12.24 15.36 9.82
CA PHE A 255 11.89 14.32 10.79
C PHE A 255 12.31 12.93 10.39
N THR A 256 12.28 12.68 9.09
CA THR A 256 12.41 11.33 8.57
C THR A 256 13.83 11.06 8.14
N CYS A 257 14.48 12.09 7.60
CA CYS A 257 15.85 11.96 7.13
C CYS A 257 16.82 11.74 8.30
N LYS B 21 9.69 -28.99 15.84
CA LYS B 21 9.85 -27.76 16.63
C LYS B 21 9.91 -26.54 15.73
N GLY B 22 9.09 -25.53 16.06
CA GLY B 22 9.05 -24.31 15.29
C GLY B 22 7.96 -24.55 14.25
N THR B 23 6.90 -23.74 14.30
CA THR B 23 5.80 -23.83 13.33
C THR B 23 5.58 -22.56 12.57
N ILE B 24 5.42 -22.72 11.26
CA ILE B 24 5.34 -21.65 10.36
C ILE B 24 4.05 -21.86 9.59
N ILE B 25 3.29 -20.80 9.38
CA ILE B 25 2.26 -20.81 8.44
C ILE B 25 2.74 -20.07 7.21
N VAL B 26 2.42 -20.64 6.03
CA VAL B 26 2.78 -20.08 4.77
C VAL B 26 1.50 -19.96 4.01
N SER B 27 1.24 -18.80 3.46
CA SER B 27 0.08 -18.48 2.67
C SER B 27 0.13 -19.04 1.27
N GLY B 28 -1.03 -19.35 0.72
CA GLY B 28 -1.10 -19.94 -0.62
C GLY B 28 0.10 -20.80 -0.92
N GLY B 29 0.27 -21.96 -0.32
CA GLY B 29 1.49 -22.68 -0.59
C GLY B 29 1.41 -24.02 -1.23
N SER B 30 0.51 -24.15 -2.18
CA SER B 30 0.17 -25.36 -2.87
C SER B 30 0.85 -25.39 -4.25
N GLN B 31 1.52 -24.31 -4.65
CA GLN B 31 2.22 -24.24 -5.96
C GLN B 31 3.17 -23.08 -6.06
N GLY B 32 4.09 -23.15 -7.01
CA GLY B 32 5.04 -22.08 -7.24
C GLY B 32 5.89 -21.76 -5.99
N LEU B 33 6.07 -20.45 -5.75
CA LEU B 33 6.97 -19.93 -4.73
C LEU B 33 6.52 -20.43 -3.32
N GLY B 34 5.23 -20.23 -2.99
CA GLY B 34 4.62 -20.83 -1.82
C GLY B 34 5.02 -22.26 -1.56
N LEU B 35 4.86 -23.12 -2.59
CA LEU B 35 5.13 -24.51 -2.43
C LEU B 35 6.64 -24.68 -2.22
N THR B 36 7.48 -23.94 -2.95
CA THR B 36 8.95 -24.09 -2.76
C THR B 36 9.28 -23.68 -1.35
N THR B 37 8.67 -22.57 -0.92
CA THR B 37 8.94 -22.06 0.41
C THR B 37 8.56 -23.12 1.47
N VAL B 38 7.39 -23.73 1.30
CA VAL B 38 6.94 -24.83 2.16
C VAL B 38 7.95 -25.97 2.31
N ARG B 39 8.48 -26.50 1.21
CA ARG B 39 9.40 -27.63 1.28
C ARG B 39 10.71 -27.23 1.99
N CYS B 40 11.11 -26.00 1.76
CA CYS B 40 12.28 -25.43 2.30
C CYS B 40 12.13 -25.35 3.82
N PHE B 41 10.95 -24.96 4.28
CA PHE B 41 10.73 -25.04 5.73
C PHE B 41 10.64 -26.46 6.32
N LEU B 42 9.99 -27.39 5.62
CA LEU B 42 9.99 -28.80 6.09
C LEU B 42 11.42 -29.27 6.12
N GLU B 43 12.14 -29.12 5.03
CA GLU B 43 13.49 -29.64 5.02
C GLU B 43 14.39 -29.04 6.12
N ALA B 44 14.04 -27.87 6.64
CA ALA B 44 14.81 -27.17 7.63
C ALA B 44 14.46 -27.54 9.07
N GLY B 45 13.52 -28.49 9.26
CA GLY B 45 13.11 -28.88 10.62
C GLY B 45 11.83 -28.18 11.17
N TYR B 46 11.04 -27.50 10.34
CA TYR B 46 9.83 -26.83 10.86
C TYR B 46 8.53 -27.58 10.56
N ASN B 47 7.57 -27.46 11.48
CA ASN B 47 6.18 -27.78 11.18
C ASN B 47 5.58 -26.65 10.33
N VAL B 48 4.96 -27.01 9.21
CA VAL B 48 4.50 -26.05 8.25
C VAL B 48 3.01 -26.26 8.05
N ALA B 49 2.23 -25.20 8.21
CA ALA B 49 0.80 -25.30 7.92
C ALA B 49 0.54 -24.37 6.78
N THR B 50 -0.25 -24.82 5.81
CA THR B 50 -0.49 -23.99 4.63
C THR B 50 -1.91 -24.06 4.09
N PHE B 51 -2.28 -23.15 3.19
CA PHE B 51 -3.53 -23.32 2.44
C PHE B 51 -3.56 -22.75 1.04
N SER B 52 -4.70 -22.91 0.38
CA SER B 52 -4.94 -22.39 -0.93
C SER B 52 -6.44 -22.41 -1.21
N ARG B 53 -6.84 -22.14 -2.45
CA ARG B 53 -8.23 -22.25 -2.83
C ARG B 53 -8.49 -23.68 -3.30
N ARG B 54 -7.54 -24.33 -3.93
CA ARG B 54 -7.79 -25.66 -4.42
C ARG B 54 -6.63 -26.57 -4.19
N GLU B 55 -6.89 -27.87 -4.12
CA GLU B 55 -5.89 -28.87 -3.77
C GLU B 55 -4.57 -29.15 -4.50
N SER B 56 -4.65 -29.51 -5.78
CA SER B 56 -3.46 -29.96 -6.49
C SER B 56 -2.73 -31.04 -5.68
N PRO B 57 -1.99 -31.89 -6.41
CA PRO B 57 -1.24 -33.01 -5.84
C PRO B 57 -0.25 -32.28 -4.95
N ALA B 58 0.68 -32.98 -4.29
CA ALA B 58 1.32 -32.34 -3.15
C ALA B 58 0.25 -32.34 -2.06
N VAL B 59 -0.57 -33.39 -2.14
CA VAL B 59 -1.38 -33.93 -1.11
C VAL B 59 -0.57 -35.14 -0.75
N THR B 60 0.41 -35.44 -1.58
CA THR B 60 1.60 -36.23 -1.16
C THR B 60 2.06 -35.88 0.25
N GLU B 61 2.04 -34.58 0.54
CA GLU B 61 2.59 -34.06 1.80
C GLU B 61 1.56 -34.11 2.92
N LEU B 62 0.47 -34.82 2.68
CA LEU B 62 -0.58 -34.94 3.69
C LEU B 62 -0.12 -35.89 4.79
N SER B 63 0.65 -36.90 4.38
CA SER B 63 1.22 -37.86 5.34
C SER B 63 2.07 -37.18 6.44
N GLU B 64 2.74 -36.10 5.97
CA GLU B 64 3.65 -35.17 6.68
C GLU B 64 5.16 -35.32 6.33
N ARG B 65 5.82 -34.36 5.65
CA ARG B 65 7.35 -34.54 5.65
C ARG B 65 7.92 -34.19 7.04
N ALA B 66 7.64 -33.00 7.54
CA ALA B 66 7.99 -32.66 8.90
C ALA B 66 6.71 -32.32 9.64
N ASP B 67 5.63 -33.03 9.39
CA ASP B 67 4.38 -32.62 9.99
C ASP B 67 3.95 -31.38 9.22
N PHE B 68 2.83 -31.53 8.53
CA PHE B 68 2.37 -30.65 7.59
C PHE B 68 0.87 -30.65 7.79
N HIS B 69 0.26 -29.56 7.42
CA HIS B 69 -1.13 -29.45 7.35
C HIS B 69 -1.43 -28.51 6.16
N TRP B 70 -2.41 -28.88 5.38
CA TRP B 70 -2.89 -28.03 4.35
C TRP B 70 -4.37 -28.05 4.32
N GLN B 71 -4.98 -26.99 3.87
CA GLN B 71 -6.45 -27.00 3.73
C GLN B 71 -7.00 -26.00 2.71
N ALA B 72 -8.05 -26.38 1.99
CA ALA B 72 -8.71 -25.42 1.09
C ALA B 72 -9.40 -24.35 1.87
N LEU B 73 -9.37 -23.13 1.34
CA LEU B 73 -9.79 -21.99 2.11
C LEU B 73 -9.90 -20.71 1.32
N ASP B 74 -10.93 -19.92 1.55
CA ASP B 74 -11.07 -18.60 0.93
C ASP B 74 -10.42 -17.58 1.83
N CYS B 75 -9.26 -17.09 1.40
CA CYS B 75 -8.44 -16.21 2.25
C CYS B 75 -9.06 -14.84 2.62
N THR B 76 -10.30 -14.60 2.21
CA THR B 76 -10.92 -13.29 2.42
C THR B 76 -12.06 -13.42 3.41
N ASP B 77 -12.30 -14.66 3.86
CA ASP B 77 -13.34 -14.97 4.81
C ASP B 77 -12.73 -15.15 6.19
N TYR B 78 -13.01 -14.19 7.06
CA TYR B 78 -12.42 -14.14 8.39
C TYR B 78 -12.73 -15.31 9.32
N SER B 79 -13.93 -15.89 9.21
CA SER B 79 -14.28 -17.10 9.97
C SER B 79 -13.41 -18.25 9.58
N ALA B 80 -13.22 -18.42 8.29
CA ALA B 80 -12.41 -19.48 7.77
C ALA B 80 -10.93 -19.34 8.21
N LEU B 81 -10.39 -18.15 8.29
CA LEU B 81 -9.02 -18.02 8.72
C LEU B 81 -8.90 -18.24 10.19
N THR B 82 -9.94 -17.91 10.93
CA THR B 82 -9.97 -18.13 12.34
C THR B 82 -9.97 -19.61 12.70
N ALA B 83 -10.79 -20.37 11.99
CA ALA B 83 -10.90 -21.77 12.23
C ALA B 83 -9.51 -22.36 11.92
N PHE B 84 -8.95 -21.99 10.76
CA PHE B 84 -7.61 -22.43 10.39
C PHE B 84 -6.52 -22.12 11.42
N VAL B 85 -6.43 -20.89 11.89
CA VAL B 85 -5.43 -20.52 12.86
C VAL B 85 -5.62 -21.08 14.26
N GLN B 86 -6.84 -21.18 14.72
CA GLN B 86 -7.21 -21.92 15.94
C GLN B 86 -6.85 -23.38 15.82
N GLN B 87 -7.30 -23.98 14.74
CA GLN B 87 -7.06 -25.40 14.62
C GLN B 87 -5.59 -25.72 14.54
N VAL B 88 -4.85 -24.92 13.79
CA VAL B 88 -3.43 -25.22 13.58
C VAL B 88 -2.73 -24.96 14.91
N GLU B 89 -3.18 -23.95 15.63
CA GLU B 89 -2.48 -23.64 16.88
C GLU B 89 -2.64 -24.83 17.80
N LYS B 90 -3.76 -25.52 17.69
CA LYS B 90 -4.02 -26.69 18.53
C LYS B 90 -3.19 -27.83 18.08
N ARG B 91 -3.02 -27.99 16.76
CA ARG B 91 -2.27 -29.11 16.21
C ARG B 91 -0.77 -29.04 16.45
N PHE B 92 -0.25 -27.85 16.74
CA PHE B 92 1.18 -27.70 16.93
C PHE B 92 1.62 -27.02 18.19
N GLY B 93 0.67 -26.60 19.02
CA GLY B 93 0.99 -25.99 20.28
C GLY B 93 1.03 -24.48 20.17
N GLY B 94 1.61 -23.97 19.10
CA GLY B 94 1.66 -22.54 18.92
C GLY B 94 2.53 -22.42 17.70
N LEU B 95 2.78 -21.18 17.31
CA LEU B 95 3.06 -20.63 16.03
C LEU B 95 4.28 -19.82 16.18
N ASP B 96 5.27 -20.04 15.34
CA ASP B 96 6.48 -19.19 15.42
C ASP B 96 6.67 -18.15 14.35
N GLY B 97 6.03 -18.32 13.20
CA GLY B 97 6.21 -17.35 12.15
C GLY B 97 5.11 -17.43 11.14
N LEU B 98 5.04 -16.39 10.34
CA LEU B 98 4.07 -16.32 9.27
C LEU B 98 4.76 -15.91 8.00
N VAL B 99 4.32 -16.50 6.89
CA VAL B 99 4.88 -16.05 5.61
C VAL B 99 3.69 -15.65 4.74
N ASN B 100 3.60 -14.36 4.47
CA ASN B 100 2.50 -13.82 3.76
C ASN B 100 2.79 -13.84 2.32
N ASN B 101 2.16 -14.70 1.58
CA ASN B 101 2.56 -14.92 0.25
C ASN B 101 1.47 -14.66 -0.75
N ALA B 102 0.40 -15.40 -0.59
CA ALA B 102 -0.75 -15.38 -1.48
C ALA B 102 -0.82 -14.24 -2.53
N ALA B 103 -1.27 -14.57 -3.75
CA ALA B 103 -1.10 -13.68 -4.92
C ALA B 103 -2.09 -14.09 -6.03
N VAL B 106 -1.10 -9.65 -12.22
CA VAL B 106 -2.40 -9.22 -12.69
C VAL B 106 -2.29 -7.97 -13.57
N GLU B 107 -1.69 -8.12 -14.74
CA GLU B 107 -1.51 -7.02 -15.65
C GLU B 107 -2.77 -6.35 -16.17
N GLY B 108 -2.57 -5.19 -16.77
CA GLY B 108 -3.60 -4.20 -17.10
C GLY B 108 -3.48 -2.74 -16.73
N ILE B 109 -3.64 -1.88 -17.74
CA ILE B 109 -3.64 -0.41 -17.53
C ILE B 109 -4.95 0.12 -16.90
N LEU B 110 -4.79 1.09 -16.00
CA LEU B 110 -5.88 1.60 -15.18
C LEU B 110 -7.11 1.98 -15.98
N SER B 111 -6.90 2.54 -17.17
CA SER B 111 -8.05 3.04 -17.98
C SER B 111 -8.88 1.90 -18.62
N THR B 112 -8.45 0.68 -18.46
CA THR B 112 -9.16 -0.41 -19.05
C THR B 112 -9.68 -1.31 -17.95
N MET B 113 -9.15 -1.13 -16.75
CA MET B 113 -9.43 -2.06 -15.71
C MET B 113 -10.89 -1.90 -15.32
N ARG B 114 -11.61 -2.99 -15.06
CA ARG B 114 -13.00 -2.79 -14.65
C ARG B 114 -13.05 -2.50 -13.12
N VAL B 115 -14.02 -1.67 -12.68
CA VAL B 115 -14.18 -1.39 -11.21
C VAL B 115 -14.15 -2.70 -10.37
N ALA B 116 -14.75 -3.78 -10.88
CA ALA B 116 -14.78 -5.08 -10.19
C ALA B 116 -13.38 -5.67 -9.92
N ASP B 117 -12.48 -5.71 -10.92
CA ASP B 117 -11.11 -6.13 -10.69
C ASP B 117 -10.40 -5.21 -9.68
N ILE B 118 -10.68 -3.91 -9.68
CA ILE B 118 -10.10 -3.11 -8.59
C ILE B 118 -10.49 -3.72 -7.21
N ASP B 119 -11.78 -3.96 -7.01
CA ASP B 119 -12.28 -4.58 -5.78
C ASP B 119 -11.70 -5.95 -5.43
N SER B 120 -11.67 -6.87 -6.37
CA SER B 120 -11.27 -8.19 -5.91
C SER B 120 -9.77 -8.18 -5.62
N ALA B 121 -8.99 -7.55 -6.50
CA ALA B 121 -7.58 -7.38 -6.20
C ALA B 121 -7.36 -6.79 -4.82
N LEU B 122 -8.14 -5.78 -4.42
CA LEU B 122 -7.90 -5.21 -3.10
C LEU B 122 -8.24 -6.19 -2.03
N ASP B 123 -9.28 -6.98 -2.27
CA ASP B 123 -9.75 -7.98 -1.29
C ASP B 123 -8.80 -9.17 -1.16
N ILE B 124 -8.43 -9.77 -2.30
CA ILE B 124 -7.56 -10.92 -2.31
C ILE B 124 -6.18 -10.52 -1.86
N ASN B 125 -5.47 -9.72 -2.66
CA ASN B 125 -4.08 -9.32 -2.35
C ASN B 125 -3.87 -8.47 -1.12
N LEU B 126 -4.91 -7.88 -0.56
CA LEU B 126 -4.57 -7.00 0.55
C LEU B 126 -5.35 -7.26 1.84
N LYS B 127 -6.67 -7.32 1.78
CA LYS B 127 -7.35 -7.49 3.01
C LYS B 127 -7.11 -8.89 3.63
N GLY B 128 -7.19 -9.93 2.80
CA GLY B 128 -6.77 -11.27 3.14
C GLY B 128 -5.49 -11.34 3.98
N GLN B 129 -4.47 -10.73 3.45
CA GLN B 129 -3.19 -10.58 4.10
C GLN B 129 -3.24 -9.90 5.42
N LEU B 130 -4.02 -8.85 5.52
CA LEU B 130 -4.18 -8.16 6.82
C LEU B 130 -4.93 -9.06 7.80
N TYR B 131 -6.00 -9.70 7.32
CA TYR B 131 -6.77 -10.61 8.15
C TYR B 131 -5.86 -11.64 8.77
N LEU B 132 -5.14 -12.39 7.91
CA LEU B 132 -4.18 -13.43 8.36
C LEU B 132 -3.12 -12.85 9.31
N THR B 133 -2.60 -11.67 8.98
CA THR B 133 -1.61 -11.02 9.84
C THR B 133 -2.17 -10.79 11.25
N LYS B 134 -3.39 -10.28 11.31
CA LYS B 134 -4.09 -10.00 12.58
C LYS B 134 -4.26 -11.28 13.43
N LEU B 135 -4.82 -12.33 12.83
CA LEU B 135 -4.95 -13.62 13.50
C LEU B 135 -3.61 -14.15 14.01
N VAL B 136 -2.67 -14.41 13.10
CA VAL B 136 -1.37 -14.99 13.48
C VAL B 136 -0.55 -14.18 14.51
N THR B 137 -0.49 -12.90 14.30
CA THR B 137 0.13 -11.98 15.24
C THR B 137 -0.38 -12.16 16.68
N ALA B 138 -1.66 -12.45 16.85
CA ALA B 138 -2.16 -12.67 18.23
C ALA B 138 -1.56 -13.94 18.87
N LYS B 139 -1.50 -14.99 18.11
CA LYS B 139 -0.79 -16.17 18.46
C LYS B 139 0.68 -15.94 18.72
N LEU B 140 1.30 -15.07 17.97
CA LEU B 140 2.72 -14.78 18.17
C LEU B 140 2.97 -14.01 19.45
N LEU B 141 2.14 -13.00 19.72
CA LEU B 141 2.18 -12.32 21.05
C LEU B 141 2.08 -13.33 22.20
N LYS B 142 1.30 -14.37 22.07
CA LYS B 142 1.25 -15.32 23.15
C LYS B 142 2.59 -15.92 23.51
N ARG B 143 3.33 -16.33 22.51
CA ARG B 143 4.61 -17.02 22.66
C ARG B 143 5.77 -16.10 22.98
N GLY B 144 5.61 -14.77 22.86
CA GLY B 144 6.73 -13.82 23.13
C GLY B 144 7.88 -13.71 22.09
N ALA B 145 7.78 -14.43 20.99
CA ALA B 145 8.86 -14.41 20.01
C ALA B 145 8.26 -14.74 18.66
N GLY B 146 8.98 -14.41 17.58
CA GLY B 146 8.57 -14.86 16.28
C GLY B 146 8.93 -13.96 15.12
N SER B 147 8.53 -14.40 13.93
CA SER B 147 9.03 -13.84 12.71
C SER B 147 7.94 -13.78 11.64
N VAL B 148 7.67 -12.59 11.14
CA VAL B 148 6.74 -12.46 10.03
C VAL B 148 7.53 -12.02 8.82
N VAL B 149 7.20 -12.54 7.65
CA VAL B 149 7.82 -12.15 6.38
C VAL B 149 6.75 -11.95 5.32
N ASN B 150 6.68 -10.72 4.80
CA ASN B 150 5.72 -10.39 3.75
C ASN B 150 6.45 -10.50 2.46
N VAL B 151 5.93 -11.35 1.57
CA VAL B 151 6.55 -11.53 0.31
C VAL B 151 5.95 -10.48 -0.60
N SER B 152 6.75 -9.51 -0.98
CA SER B 152 6.29 -8.47 -1.86
C SER B 152 6.69 -8.70 -3.29
N SER B 153 7.25 -7.71 -3.92
CA SER B 153 7.63 -7.85 -5.33
C SER B 153 8.40 -6.58 -5.69
N ILE B 154 9.35 -6.67 -6.59
CA ILE B 154 10.06 -5.48 -7.03
C ILE B 154 9.21 -4.40 -7.69
N ASN B 155 8.01 -4.74 -8.06
CA ASN B 155 7.01 -3.78 -8.39
C ASN B 155 6.62 -2.89 -7.25
N ALA B 156 6.79 -3.31 -6.01
CA ALA B 156 6.45 -2.36 -4.95
C ALA B 156 7.57 -1.37 -4.75
N LEU B 157 8.68 -1.56 -5.43
CA LEU B 157 9.75 -0.64 -5.28
C LEU B 157 9.98 0.22 -6.47
N ARG B 158 9.79 -0.31 -7.66
CA ARG B 158 10.25 0.41 -8.82
C ARG B 158 9.25 1.02 -9.75
N GLY B 159 8.25 0.29 -10.16
CA GLY B 159 7.34 0.93 -11.08
C GLY B 159 7.32 0.37 -12.48
N HIS B 160 6.18 -0.17 -12.82
CA HIS B 160 6.02 -0.90 -14.00
C HIS B 160 4.69 -0.50 -14.49
N SER B 161 4.58 -0.28 -15.78
CA SER B 161 3.33 0.14 -16.32
C SER B 161 2.43 -1.06 -16.48
N GLY B 162 1.14 -0.86 -16.32
CA GLY B 162 0.18 -1.96 -16.33
C GLY B 162 0.13 -2.80 -15.04
N LEU B 163 0.83 -2.39 -13.98
CA LEU B 163 0.87 -3.11 -12.70
C LEU B 163 0.51 -2.18 -11.56
N THR B 164 -0.26 -1.17 -11.91
CA THR B 164 -0.73 -0.17 -10.95
C THR B 164 -1.32 -0.78 -9.69
N VAL B 165 -2.49 -1.40 -9.80
CA VAL B 165 -3.19 -1.91 -8.60
C VAL B 165 -2.39 -3.03 -7.88
N TYR B 166 -1.64 -3.81 -8.65
CA TYR B 166 -0.82 -4.85 -8.06
C TYR B 166 0.26 -4.18 -7.23
N SER B 167 0.84 -3.10 -7.77
CA SER B 167 1.94 -2.39 -7.10
C SER B 167 1.38 -1.74 -5.87
N ALA B 168 0.20 -1.16 -5.98
CA ALA B 168 -0.39 -0.63 -4.78
C ALA B 168 -0.53 -1.71 -3.70
N THR B 169 -1.15 -2.84 -4.01
CA THR B 169 -1.32 -3.85 -2.95
C THR B 169 0.00 -4.39 -2.43
N LYS B 170 0.98 -4.64 -3.31
CA LYS B 170 2.34 -4.99 -2.82
C LYS B 170 2.98 -3.91 -1.96
N ALA B 171 2.83 -2.67 -2.33
CA ALA B 171 3.57 -1.66 -1.58
C ALA B 171 2.79 -1.44 -0.26
N ALA B 172 1.49 -1.77 -0.25
CA ALA B 172 0.72 -1.71 1.00
C ALA B 172 1.32 -2.62 2.05
N MET B 173 1.57 -3.87 1.68
CA MET B 173 2.24 -4.81 2.57
C MET B 173 3.72 -4.57 2.91
N ASP B 174 4.31 -3.49 2.39
CA ASP B 174 5.63 -3.03 2.84
C ASP B 174 5.51 -1.87 3.83
N GLY B 175 4.38 -1.17 3.78
CA GLY B 175 4.17 -0.09 4.69
C GLY B 175 3.81 -0.75 5.99
N LEU B 176 3.03 -1.80 5.88
CA LEU B 176 2.66 -2.59 6.98
C LEU B 176 3.90 -3.14 7.65
N THR B 177 4.75 -3.85 6.91
CA THR B 177 5.97 -4.37 7.49
C THR B 177 6.64 -3.35 8.43
N ARG B 178 6.91 -2.14 7.92
CA ARG B 178 7.73 -1.18 8.68
C ARG B 178 6.98 -0.87 9.97
N SER B 179 5.69 -0.70 9.81
CA SER B 179 4.84 -0.36 10.93
C SER B 179 4.73 -1.41 11.99
N LEU B 180 4.33 -2.61 11.58
CA LEU B 180 4.19 -3.75 12.44
C LEU B 180 5.56 -4.13 13.08
N ALA B 181 6.65 -3.94 12.35
CA ALA B 181 7.95 -4.02 12.99
C ALA B 181 8.08 -3.12 14.25
N LYS B 182 7.62 -1.88 14.15
CA LYS B 182 7.71 -0.96 15.28
C LYS B 182 6.77 -1.42 16.37
N GLU B 183 5.59 -1.90 16.00
CA GLU B 183 4.59 -2.34 16.97
C GLU B 183 4.89 -3.63 17.73
N LEU B 184 5.38 -4.68 17.06
CA LEU B 184 5.48 -6.03 17.59
C LEU B 184 6.90 -6.24 18.07
N GLY B 185 7.70 -5.26 17.80
CA GLY B 185 9.09 -5.38 18.07
C GLY B 185 9.40 -5.44 19.51
N PRO B 186 8.73 -4.68 20.32
CA PRO B 186 9.06 -4.72 21.74
C PRO B 186 8.51 -5.98 22.37
N ARG B 187 7.85 -6.81 21.61
CA ARG B 187 7.47 -8.11 22.10
C ARG B 187 8.23 -9.24 21.46
N GLY B 188 9.35 -8.93 20.85
CA GLY B 188 10.22 -9.95 20.26
C GLY B 188 9.76 -10.58 18.94
N ILE B 189 8.87 -9.93 18.22
CA ILE B 189 8.62 -10.42 16.89
C ILE B 189 9.24 -9.47 15.88
N ARG B 190 9.98 -10.04 14.93
CA ARG B 190 10.59 -9.27 13.86
C ARG B 190 9.76 -9.43 12.61
N VAL B 191 9.68 -8.38 11.81
CA VAL B 191 8.85 -8.38 10.64
C VAL B 191 9.66 -7.81 9.44
N ASN B 192 9.59 -8.47 8.28
CA ASN B 192 10.39 -8.12 7.11
C ASN B 192 9.67 -8.46 5.83
N SER B 193 9.97 -7.66 4.80
CA SER B 193 9.62 -7.92 3.41
C SER B 193 10.79 -8.51 2.62
N VAL B 194 10.45 -9.49 1.82
CA VAL B 194 11.31 -9.92 0.73
C VAL B 194 10.62 -9.49 -0.56
N SER B 195 11.34 -8.78 -1.40
CA SER B 195 10.91 -8.41 -2.77
C SER B 195 11.62 -9.19 -3.90
N PRO B 196 11.02 -10.30 -4.36
CA PRO B 196 11.55 -11.10 -5.48
C PRO B 196 11.49 -10.32 -6.74
N GLY B 197 12.47 -10.52 -7.62
CA GLY B 197 12.34 -10.03 -9.00
C GLY B 197 11.81 -11.16 -9.88
N TYR B 198 12.47 -11.43 -11.01
CA TYR B 198 11.98 -12.40 -12.00
C TYR B 198 12.58 -13.75 -11.74
N PHE B 199 11.73 -14.75 -11.58
CA PHE B 199 12.27 -16.08 -11.29
C PHE B 199 11.41 -17.08 -12.04
N SER B 200 12.00 -18.21 -12.49
CA SER B 200 11.20 -19.29 -13.15
C SER B 200 9.95 -19.78 -12.42
N SER B 201 8.82 -19.75 -13.12
CA SER B 201 7.58 -20.20 -12.53
C SER B 201 6.65 -20.92 -13.47
N ASP B 202 6.43 -22.20 -13.17
CA ASP B 202 5.55 -23.04 -13.97
C ASP B 202 4.16 -22.43 -14.08
N GLN B 210 7.88 -14.68 -23.34
CA GLN B 210 8.22 -14.47 -24.74
C GLN B 210 9.73 -14.60 -24.96
N THR B 211 10.28 -13.67 -25.74
CA THR B 211 11.67 -13.68 -26.03
C THR B 211 12.17 -12.38 -25.44
N LEU B 212 11.79 -12.18 -24.18
CA LEU B 212 12.35 -11.13 -23.31
C LEU B 212 13.64 -11.58 -22.65
N SER B 213 14.69 -10.87 -23.02
CA SER B 213 16.03 -11.11 -22.61
C SER B 213 16.46 -9.70 -22.42
N ARG B 214 15.51 -8.79 -22.55
CA ARG B 214 15.63 -7.36 -22.15
C ARG B 214 15.68 -7.38 -20.64
N ILE B 215 15.05 -8.41 -20.06
CA ILE B 215 15.17 -8.69 -18.65
C ILE B 215 16.61 -9.30 -18.28
N GLU B 216 17.11 -10.34 -18.96
CA GLU B 216 18.53 -10.73 -18.79
C GLU B 216 19.53 -9.58 -18.98
N ARG B 217 19.34 -8.68 -19.95
CA ARG B 217 20.28 -7.55 -20.14
C ARG B 217 20.13 -6.56 -18.98
N ARG B 218 18.91 -6.45 -18.46
CA ARG B 218 18.61 -5.50 -17.38
C ARG B 218 18.88 -6.05 -15.98
N THR B 219 19.39 -7.28 -15.90
CA THR B 219 19.68 -7.89 -14.64
C THR B 219 21.17 -8.09 -14.54
N PRO B 220 21.84 -7.39 -13.64
CA PRO B 220 23.31 -7.60 -13.52
C PRO B 220 23.76 -9.01 -13.51
N LEU B 221 23.01 -9.93 -12.93
CA LEU B 221 23.53 -11.31 -12.95
C LEU B 221 23.13 -12.01 -14.24
N GLY B 222 22.30 -11.35 -15.04
CA GLY B 222 21.88 -11.88 -16.33
C GLY B 222 21.25 -13.26 -16.34
N ARG B 223 20.39 -13.56 -15.39
CA ARG B 223 19.63 -14.81 -15.45
C ARG B 223 18.48 -14.81 -14.46
N LEU B 224 17.33 -15.31 -14.89
CA LEU B 224 16.19 -15.37 -13.98
C LEU B 224 16.66 -16.04 -12.67
N GLY B 225 16.01 -15.66 -11.55
CA GLY B 225 16.26 -16.38 -10.32
C GLY B 225 15.45 -17.66 -10.26
N THR B 226 15.78 -18.49 -9.28
CA THR B 226 15.08 -19.72 -8.95
C THR B 226 14.23 -19.47 -7.71
N GLN B 227 13.13 -20.20 -7.61
CA GLN B 227 12.33 -20.23 -6.39
C GLN B 227 13.16 -20.56 -5.16
N GLN B 228 14.17 -21.45 -5.32
CA GLN B 228 14.98 -21.92 -4.15
C GLN B 228 15.74 -20.75 -3.54
N GLU B 229 16.13 -19.79 -4.38
CA GLU B 229 16.92 -18.67 -3.98
C GLU B 229 16.09 -17.65 -3.20
N VAL B 230 14.89 -17.37 -3.70
CA VAL B 230 13.97 -16.57 -2.96
C VAL B 230 13.64 -17.26 -1.61
N ALA B 231 13.33 -18.57 -1.68
CA ALA B 231 12.88 -19.23 -0.45
C ALA B 231 14.02 -19.23 0.55
N ASP B 232 15.23 -19.24 0.04
CA ASP B 232 16.38 -19.27 0.91
C ASP B 232 16.49 -17.95 1.75
N LEU B 233 16.24 -16.82 1.12
CA LEU B 233 16.28 -15.59 1.87
C LEU B 233 15.12 -15.65 2.89
N ILE B 234 13.96 -16.13 2.44
CA ILE B 234 12.87 -16.23 3.41
C ILE B 234 13.27 -17.06 4.63
N LEU B 235 13.88 -18.21 4.37
CA LEU B 235 14.32 -19.05 5.46
C LEU B 235 15.28 -18.28 6.34
N TYR B 236 16.15 -17.46 5.74
CA TYR B 236 17.14 -16.81 6.58
C TYR B 236 16.43 -15.85 7.51
N LEU B 237 15.46 -15.13 6.99
CA LEU B 237 14.78 -14.15 7.81
C LEU B 237 13.94 -14.72 8.93
N VAL B 238 13.38 -15.90 8.73
CA VAL B 238 12.64 -16.58 9.81
C VAL B 238 13.57 -17.32 10.74
N ASP B 239 14.51 -18.08 10.20
CA ASP B 239 15.30 -18.99 10.99
C ASP B 239 16.49 -18.33 11.60
N ARG B 240 16.96 -17.23 11.09
CA ARG B 240 18.06 -16.70 11.81
C ARG B 240 18.48 -15.26 11.79
N GLY B 241 17.62 -14.34 11.45
CA GLY B 241 18.15 -12.95 11.24
C GLY B 241 17.80 -12.14 12.45
N THR B 242 18.36 -12.52 13.59
CA THR B 242 17.72 -12.18 14.83
C THR B 242 17.74 -10.71 15.17
N PHE B 243 18.58 -9.93 14.54
CA PHE B 243 18.53 -8.50 14.83
C PHE B 243 18.15 -7.68 13.58
N VAL B 244 17.49 -8.32 12.64
CA VAL B 244 17.12 -7.74 11.41
C VAL B 244 15.61 -7.62 11.43
N THR B 245 15.10 -6.40 11.39
CA THR B 245 13.69 -6.23 11.28
C THR B 245 13.38 -4.88 10.65
N GLY B 246 12.24 -4.81 9.97
CA GLY B 246 11.82 -3.54 9.42
C GLY B 246 12.34 -3.43 7.98
N GLN B 247 13.12 -4.42 7.54
CA GLN B 247 13.73 -4.37 6.23
C GLN B 247 12.83 -4.84 5.13
N ASN B 248 13.24 -4.44 3.95
CA ASN B 248 12.69 -4.92 2.71
C ASN B 248 13.84 -5.31 1.83
N ILE B 249 13.99 -6.57 1.56
CA ILE B 249 15.13 -6.99 0.79
C ILE B 249 14.74 -7.53 -0.58
N ALA B 250 15.37 -7.00 -1.61
CA ALA B 250 15.16 -7.44 -3.01
C ALA B 250 16.08 -8.65 -3.29
N VAL B 251 15.49 -9.72 -3.81
CA VAL B 251 16.19 -10.83 -4.38
C VAL B 251 15.83 -10.79 -5.85
N ASP B 252 16.62 -10.07 -6.63
CA ASP B 252 16.21 -9.69 -7.97
C ASP B 252 17.43 -9.70 -8.87
N GLY B 253 18.52 -10.29 -8.42
CA GLY B 253 19.72 -10.30 -9.25
C GLY B 253 20.28 -8.93 -9.55
N GLY B 254 19.90 -7.95 -8.73
CA GLY B 254 20.46 -6.65 -8.90
C GLY B 254 19.66 -5.85 -9.90
N PHE B 255 18.51 -6.36 -10.31
CA PHE B 255 17.65 -5.63 -11.17
C PHE B 255 17.23 -4.21 -10.70
N THR B 256 17.09 -3.92 -9.39
CA THR B 256 16.53 -2.59 -8.96
C THR B 256 17.60 -1.57 -8.52
#